data_3K81
#
_entry.id   3K81
#
_cell.length_a   80.030
_cell.length_b   68.605
_cell.length_c   93.335
_cell.angle_alpha   90.00
_cell.angle_beta   102.23
_cell.angle_gamma   90.00
#
_symmetry.space_group_name_H-M   'C 1 2 1'
#
loop_
_entity.id
_entity.type
_entity.pdbx_description
1 polymer 'MP18 RNA editing complex protein'
2 polymer 'Single strand antibody VHH domain'
#
loop_
_entity_poly.entity_id
_entity_poly.type
_entity_poly.pdbx_seq_one_letter_code
_entity_poly.pdbx_strand_id
1 'polypeptide(L)'
;MLALTSRRLLLQQTFMRCCKSVNSVTLVGVVHDIQSGFVYEDAVTQFTLTTTSIDTTHPTQEVVVEKDHHTIRCFGELFS
AEVKQKVKEGNVVCVNGRLRLSPQLEPSCNKHFYFPYIQVQPPHGQVAVIHGDRRTVPAAVNPAVEDIKSEKEGSGGDQS
GVPS
;
C,D
2 'polypeptide(L)'
;EVQPQESGGGLAQAGGSLRLSCVVSGITFASEAWGWYRRAPGKQRELIAAINNEGRTNYVDSVKGRFTVSRDNAKNVMYL
QMNSLKPEDTAVYYCNANLQTGTLSGARLYWGQGTQVTVSSHHHHHH
;
A,B
#
# COMPACT_ATOMS: atom_id res chain seq x y z
N LYS A 20 23.22 -8.26 9.19
CA LYS A 20 22.50 -9.28 8.44
C LYS A 20 20.99 -9.16 8.65
N SER A 21 20.30 -8.57 7.68
CA SER A 21 18.86 -8.37 7.76
C SER A 21 18.12 -9.69 7.86
N VAL A 22 16.95 -9.67 8.48
CA VAL A 22 16.10 -10.85 8.60
C VAL A 22 14.63 -10.49 8.39
N ASN A 23 14.08 -10.90 7.24
CA ASN A 23 12.67 -10.69 6.93
C ASN A 23 11.92 -12.02 6.85
N SER A 24 11.21 -12.35 7.92
CA SER A 24 10.52 -13.63 8.00
C SER A 24 9.11 -13.48 8.57
N VAL A 25 8.12 -13.96 7.83
CA VAL A 25 6.73 -13.92 8.29
C VAL A 25 6.19 -15.33 8.46
N THR A 26 5.16 -15.48 9.28
CA THR A 26 4.43 -16.74 9.38
C THR A 26 2.93 -16.44 9.44
N LEU A 27 2.13 -17.28 8.81
CA LEU A 27 0.69 -17.04 8.77
C LEU A 27 -0.11 -18.34 8.90
N VAL A 28 -1.34 -18.21 9.41
CA VAL A 28 -2.27 -19.33 9.51
C VAL A 28 -3.69 -18.77 9.49
N GLY A 29 -4.49 -19.19 8.52
CA GLY A 29 -5.85 -18.70 8.41
C GLY A 29 -6.59 -19.23 7.19
N VAL A 30 -7.69 -18.57 6.84
CA VAL A 30 -8.51 -18.99 5.71
C VAL A 30 -7.99 -18.44 4.38
N VAL A 31 -8.04 -19.27 3.35
CA VAL A 31 -7.60 -18.88 2.01
C VAL A 31 -8.76 -18.38 1.17
N HIS A 32 -8.48 -17.47 0.25
CA HIS A 32 -9.52 -16.93 -0.63
C HIS A 32 -8.98 -16.62 -2.04
N ASP A 33 -9.85 -16.07 -2.87
CA ASP A 33 -9.53 -15.73 -4.26
C ASP A 33 -8.21 -16.31 -4.76
N ILE A 34 -8.20 -17.60 -5.06
CA ILE A 34 -7.01 -18.25 -5.58
C ILE A 34 -6.99 -18.23 -7.10
N GLN A 35 -5.93 -17.68 -7.67
CA GLN A 35 -5.79 -17.65 -9.13
C GLN A 35 -4.34 -17.61 -9.58
N SER A 36 -4.08 -18.21 -10.75
CA SER A 36 -2.75 -18.25 -11.31
C SER A 36 -2.55 -17.17 -12.38
N GLY A 37 -1.30 -16.84 -12.65
CA GLY A 37 -0.97 -15.84 -13.64
C GLY A 37 0.52 -15.54 -13.64
N PHE A 38 0.86 -14.28 -13.90
CA PHE A 38 2.25 -13.88 -13.95
C PHE A 38 2.49 -12.53 -13.28
N VAL A 39 3.63 -12.41 -12.60
CA VAL A 39 4.05 -11.14 -12.03
C VAL A 39 5.16 -10.55 -12.89
N TYR A 40 4.78 -9.68 -13.83
CA TYR A 40 5.74 -9.14 -14.78
C TYR A 40 6.46 -10.28 -15.50
N GLU A 41 5.68 -11.25 -15.98
CA GLU A 41 6.21 -12.41 -16.68
C GLU A 41 6.86 -13.43 -15.75
N ASP A 42 6.24 -13.66 -14.60
CA ASP A 42 6.72 -14.65 -13.64
C ASP A 42 5.57 -15.55 -13.19
N ALA A 43 5.73 -16.86 -13.39
CA ALA A 43 4.68 -17.81 -13.05
C ALA A 43 4.39 -17.84 -11.55
N VAL A 44 3.42 -17.04 -11.12
CA VAL A 44 3.02 -17.00 -9.72
C VAL A 44 1.61 -17.54 -9.53
N THR A 45 1.29 -17.93 -8.30
CA THR A 45 -0.07 -18.34 -7.95
C THR A 45 -0.53 -17.58 -6.72
N GLN A 46 -0.88 -16.32 -6.92
CA GLN A 46 -1.29 -15.42 -5.85
C GLN A 46 -2.63 -15.83 -5.24
N PHE A 47 -2.77 -15.59 -3.94
CA PHE A 47 -4.03 -15.82 -3.24
C PHE A 47 -4.07 -15.04 -1.92
N THR A 48 -5.10 -15.26 -1.12
CA THR A 48 -5.27 -14.51 0.11
C THR A 48 -5.33 -15.40 1.35
N LEU A 49 -4.57 -15.02 2.38
CA LEU A 49 -4.66 -15.69 3.67
C LEU A 49 -5.22 -14.73 4.71
N THR A 50 -6.22 -15.18 5.46
CA THR A 50 -6.91 -14.31 6.41
C THR A 50 -6.66 -14.71 7.87
N THR A 51 -5.68 -14.08 8.49
CA THR A 51 -5.44 -14.27 9.92
C THR A 51 -6.46 -13.45 10.70
N THR A 52 -7.06 -14.07 11.72
CA THR A 52 -8.04 -13.38 12.56
C THR A 52 -7.35 -12.82 13.80
N SER A 53 -6.56 -11.77 13.59
CA SER A 53 -5.81 -11.16 14.68
C SER A 53 -6.74 -10.47 15.69
N ILE A 54 -7.27 -11.25 16.62
CA ILE A 54 -8.18 -10.72 17.63
C ILE A 54 -7.43 -10.01 18.75
N VAL A 63 -15.48 -7.17 23.25
CA VAL A 63 -15.70 -8.04 22.10
C VAL A 63 -15.23 -7.37 20.81
N VAL A 64 -14.10 -7.84 20.28
CA VAL A 64 -13.54 -7.25 19.06
C VAL A 64 -12.74 -8.28 18.28
N VAL A 65 -13.23 -8.63 17.11
CA VAL A 65 -12.57 -9.60 16.25
C VAL A 65 -11.98 -8.90 15.02
N GLU A 66 -10.69 -8.56 15.11
CA GLU A 66 -10.03 -7.83 14.03
C GLU A 66 -9.43 -8.78 12.99
N LYS A 67 -9.85 -8.61 11.73
CA LYS A 67 -9.36 -9.46 10.65
C LYS A 67 -8.31 -8.76 9.79
N ASP A 68 -7.55 -9.56 9.05
CA ASP A 68 -6.56 -9.06 8.12
C ASP A 68 -6.42 -10.00 6.93
N HIS A 69 -6.61 -9.47 5.72
CA HIS A 69 -6.53 -10.28 4.52
C HIS A 69 -5.19 -10.08 3.81
N HIS A 70 -4.29 -11.03 3.98
CA HIS A 70 -2.94 -10.96 3.40
C HIS A 70 -2.89 -11.55 2.00
N THR A 71 -2.12 -10.92 1.12
CA THR A 71 -1.87 -11.47 -0.20
C THR A 71 -0.65 -12.37 -0.15
N ILE A 72 -0.71 -13.50 -0.85
CA ILE A 72 0.38 -14.45 -0.87
C ILE A 72 0.80 -14.76 -2.31
N ARG A 73 1.94 -14.21 -2.73
CA ARG A 73 2.44 -14.46 -4.08
C ARG A 73 3.52 -15.53 -4.09
N CYS A 74 3.16 -16.71 -4.56
CA CYS A 74 4.06 -17.86 -4.57
C CYS A 74 4.78 -17.99 -5.91
N PHE A 75 6.03 -17.54 -5.97
CA PHE A 75 6.82 -17.60 -7.19
C PHE A 75 7.44 -18.99 -7.37
N GLY A 76 7.91 -19.27 -8.58
CA GLY A 76 8.47 -20.56 -8.89
C GLY A 76 7.68 -21.29 -9.96
N GLU A 77 8.25 -21.38 -11.16
CA GLU A 77 7.59 -22.03 -12.29
C GLU A 77 6.87 -23.30 -11.90
N LEU A 78 7.55 -24.14 -11.12
CA LEU A 78 6.97 -25.40 -10.67
C LEU A 78 6.20 -25.21 -9.38
N PHE A 79 6.80 -24.48 -8.45
CA PHE A 79 6.23 -24.26 -7.13
C PHE A 79 4.79 -23.74 -7.19
N SER A 80 4.57 -22.72 -8.02
CA SER A 80 3.25 -22.12 -8.15
C SER A 80 2.22 -23.15 -8.59
N ALA A 81 2.57 -23.93 -9.62
CA ALA A 81 1.69 -24.99 -10.09
C ALA A 81 1.42 -25.97 -8.95
N GLU A 82 2.49 -26.44 -8.32
CA GLU A 82 2.40 -27.25 -7.12
C GLU A 82 1.31 -26.73 -6.20
N VAL A 83 1.44 -25.45 -5.82
CA VAL A 83 0.53 -24.82 -4.88
C VAL A 83 -0.90 -24.70 -5.42
N LYS A 84 -1.04 -24.25 -6.66
CA LYS A 84 -2.35 -23.99 -7.24
C LYS A 84 -3.25 -25.23 -7.28
N GLN A 85 -2.67 -26.41 -7.07
CA GLN A 85 -3.41 -27.66 -7.22
C GLN A 85 -3.81 -28.29 -5.88
N LYS A 86 -2.87 -28.38 -4.95
CA LYS A 86 -3.18 -28.93 -3.63
C LYS A 86 -3.92 -27.91 -2.77
N VAL A 87 -3.70 -26.63 -3.05
CA VAL A 87 -4.36 -25.56 -2.32
C VAL A 87 -5.72 -25.23 -2.91
N LYS A 88 -6.76 -25.38 -2.10
CA LYS A 88 -8.12 -25.07 -2.53
C LYS A 88 -8.73 -24.00 -1.62
N GLU A 89 -9.71 -23.26 -2.15
CA GLU A 89 -10.34 -22.20 -1.37
C GLU A 89 -11.04 -22.75 -0.13
N GLY A 90 -11.01 -21.98 0.94
CA GLY A 90 -11.58 -22.40 2.21
C GLY A 90 -10.55 -23.07 3.10
N ASN A 91 -9.57 -23.72 2.46
CA ASN A 91 -8.50 -24.38 3.20
C ASN A 91 -7.83 -23.47 4.21
N VAL A 92 -7.52 -24.02 5.37
CA VAL A 92 -6.73 -23.31 6.37
C VAL A 92 -5.28 -23.78 6.24
N VAL A 93 -4.40 -22.87 5.82
CA VAL A 93 -3.02 -23.23 5.58
C VAL A 93 -2.05 -22.33 6.34
N CYS A 94 -0.79 -22.74 6.40
CA CYS A 94 0.25 -21.89 6.98
C CYS A 94 1.05 -21.23 5.86
N VAL A 95 1.48 -19.99 6.10
CA VAL A 95 2.34 -19.30 5.15
C VAL A 95 3.67 -18.96 5.83
N ASN A 96 4.76 -19.15 5.10
CA ASN A 96 6.09 -19.01 5.68
C ASN A 96 7.05 -18.36 4.69
N GLY A 97 7.02 -17.03 4.61
CA GLY A 97 7.86 -16.31 3.65
C GLY A 97 8.14 -14.86 3.98
N ARG A 98 8.78 -14.18 3.04
CA ARG A 98 9.19 -12.79 3.23
C ARG A 98 8.03 -11.81 3.10
N LEU A 99 8.14 -10.70 3.83
CA LEU A 99 7.19 -9.61 3.69
C LEU A 99 7.74 -8.55 2.74
N ARG A 100 7.22 -8.55 1.52
CA ARG A 100 7.68 -7.62 0.49
C ARG A 100 6.64 -6.53 0.26
N LEU A 101 6.99 -5.54 -0.56
CA LEU A 101 6.05 -4.47 -0.89
C LEU A 101 6.45 -3.69 -2.15
N SER A 102 5.77 -4.00 -3.25
CA SER A 102 6.01 -3.33 -4.52
C SER A 102 5.59 -1.87 -4.47
N PRO A 103 6.50 -0.97 -4.87
CA PRO A 103 6.25 0.47 -4.89
C PRO A 103 4.99 0.83 -5.67
N GLN A 104 5.08 0.80 -7.01
CA GLN A 104 3.95 1.06 -7.88
C GLN A 104 3.59 2.55 -7.96
N LEU A 105 3.35 3.01 -9.19
CA LEU A 105 2.98 4.40 -9.43
C LEU A 105 1.72 4.47 -10.30
N GLU A 106 0.56 4.40 -9.64
CA GLU A 106 -0.72 4.42 -10.33
C GLU A 106 -0.90 5.70 -11.14
N PRO A 107 -1.90 5.74 -12.04
CA PRO A 107 -2.20 6.91 -12.86
C PRO A 107 -2.32 8.18 -12.03
N SER A 108 -2.69 8.04 -10.76
CA SER A 108 -2.85 9.19 -9.87
C SER A 108 -2.92 8.73 -8.42
N CYS A 109 -2.35 9.53 -7.51
CA CYS A 109 -1.70 10.78 -7.89
C CYS A 109 -0.31 10.89 -7.27
N ASN A 110 0.03 12.09 -6.79
CA ASN A 110 1.33 12.32 -6.17
C ASN A 110 1.54 11.47 -4.92
N LYS A 111 0.44 10.99 -4.35
CA LYS A 111 0.49 10.16 -3.16
C LYS A 111 1.19 8.83 -3.44
N HIS A 112 2.32 8.61 -2.78
CA HIS A 112 3.08 7.39 -2.95
C HIS A 112 2.55 6.28 -2.04
N PHE A 113 2.17 5.16 -2.64
CA PHE A 113 1.63 4.03 -1.89
C PHE A 113 2.34 2.74 -2.25
N TYR A 114 2.58 1.89 -1.26
CA TYR A 114 3.24 0.61 -1.47
C TYR A 114 2.24 -0.55 -1.48
N PHE A 115 2.60 -1.64 -2.15
CA PHE A 115 1.74 -2.81 -2.27
C PHE A 115 2.24 -3.95 -1.39
N PRO A 116 1.54 -4.19 -0.28
CA PRO A 116 1.93 -5.17 0.74
C PRO A 116 1.50 -6.60 0.39
N TYR A 117 2.46 -7.45 0.07
CA TYR A 117 2.18 -8.87 -0.15
C TYR A 117 3.17 -9.76 0.59
N ILE A 118 3.18 -11.04 0.26
CA ILE A 118 4.11 -11.98 0.89
C ILE A 118 4.75 -12.90 -0.13
N GLN A 119 6.00 -12.61 -0.48
CA GLN A 119 6.75 -13.41 -1.43
C GLN A 119 7.04 -14.80 -0.86
N VAL A 120 6.46 -15.82 -1.47
CA VAL A 120 6.70 -17.20 -1.07
C VAL A 120 7.42 -17.94 -2.19
N GLN A 121 8.53 -18.61 -1.85
CA GLN A 121 9.32 -19.32 -2.83
C GLN A 121 10.40 -20.16 -2.15
N PRO A 122 10.35 -21.49 -2.36
CA PRO A 122 11.34 -22.41 -1.79
C PRO A 122 12.75 -21.98 -2.16
N PRO A 123 13.74 -22.41 -1.36
CA PRO A 123 13.58 -23.23 -0.16
C PRO A 123 13.19 -22.39 1.05
N HIS A 124 12.99 -21.09 0.82
CA HIS A 124 12.71 -20.16 1.91
C HIS A 124 11.23 -20.10 2.24
N GLY A 125 10.40 -19.82 1.23
CA GLY A 125 8.96 -19.83 1.40
C GLY A 125 8.47 -21.22 1.75
N GLN A 126 7.21 -21.32 2.16
CA GLN A 126 6.64 -22.61 2.53
C GLN A 126 5.12 -22.55 2.71
N VAL A 127 4.42 -23.49 2.09
CA VAL A 127 2.97 -23.57 2.20
C VAL A 127 2.57 -24.97 2.69
N ALA A 128 1.54 -25.02 3.54
CA ALA A 128 1.08 -26.29 4.09
C ALA A 128 -0.41 -26.23 4.46
N VAL A 129 -1.20 -27.11 3.84
CA VAL A 129 -2.63 -27.13 4.08
C VAL A 129 -2.97 -27.95 5.33
N ILE A 130 -4.04 -27.56 6.01
CA ILE A 130 -4.47 -28.26 7.22
C ILE A 130 -5.76 -29.05 6.97
N HIS A 131 -5.83 -30.26 7.53
CA HIS A 131 -6.99 -31.11 7.36
C HIS A 131 -7.56 -31.51 8.71
N GLY A 132 -8.56 -32.39 8.69
CA GLY A 132 -9.19 -32.87 9.91
C GLY A 132 -10.68 -32.58 9.95
N SER B 21 -5.42 -18.95 13.96
CA SER B 21 -5.22 -17.81 13.07
C SER B 21 -3.98 -17.04 13.46
N VAL B 22 -2.85 -17.73 13.52
CA VAL B 22 -1.59 -17.12 13.96
C VAL B 22 -1.00 -16.13 12.95
N ASN B 23 -0.75 -14.92 13.43
CA ASN B 23 -0.04 -13.91 12.66
C ASN B 23 1.26 -13.59 13.39
N SER B 24 2.37 -13.60 12.67
CA SER B 24 3.68 -13.44 13.28
C SER B 24 4.71 -12.81 12.35
N VAL B 25 5.65 -12.08 12.93
CA VAL B 25 6.72 -11.44 12.17
C VAL B 25 8.03 -11.42 12.96
N THR B 26 9.15 -11.46 12.24
CA THR B 26 10.47 -11.27 12.83
C THR B 26 11.35 -10.47 11.86
N LEU B 27 11.93 -9.40 12.37
CA LEU B 27 12.73 -8.51 11.52
C LEU B 27 14.05 -8.10 12.15
N VAL B 28 15.06 -7.89 11.30
CA VAL B 28 16.38 -7.47 11.72
C VAL B 28 16.95 -6.50 10.69
N GLY B 29 17.38 -5.32 11.13
CA GLY B 29 17.92 -4.34 10.21
C GLY B 29 18.04 -2.94 10.79
N VAL B 30 18.44 -2.00 9.93
CA VAL B 30 18.71 -0.63 10.35
C VAL B 30 17.43 0.13 10.70
N VAL B 31 17.54 0.99 11.71
CA VAL B 31 16.40 1.80 12.16
C VAL B 31 16.50 3.21 11.58
N HIS B 32 15.34 3.82 11.31
CA HIS B 32 15.31 5.19 10.77
C HIS B 32 14.05 5.93 11.22
N ASP B 33 14.05 7.24 11.02
CA ASP B 33 12.88 8.08 11.28
C ASP B 33 12.08 7.63 12.50
N ILE B 34 12.72 7.65 13.67
CA ILE B 34 12.03 7.31 14.91
C ILE B 34 11.17 8.48 15.35
N GLN B 35 9.90 8.21 15.65
CA GLN B 35 8.98 9.28 16.04
C GLN B 35 8.02 8.79 17.12
N SER B 36 7.55 9.72 17.95
CA SER B 36 6.50 9.45 18.91
C SER B 36 5.16 9.82 18.31
N GLY B 37 4.29 10.41 19.12
CA GLY B 37 2.99 10.87 18.64
C GLY B 37 1.87 9.88 18.88
N PHE B 38 0.66 10.27 18.48
CA PHE B 38 -0.53 9.47 18.73
C PHE B 38 -1.12 8.92 17.43
N VAL B 39 -1.62 7.68 17.50
CA VAL B 39 -2.62 7.23 16.56
C VAL B 39 -3.91 7.84 17.07
N TYR B 40 -5.01 7.64 16.36
CA TYR B 40 -6.30 8.18 16.81
C TYR B 40 -6.50 7.96 18.31
N GLU B 41 -6.01 8.91 19.10
CA GLU B 41 -6.04 8.81 20.56
C GLU B 41 -5.34 7.54 21.05
N ASP B 42 -4.05 7.42 20.76
CA ASP B 42 -3.26 6.26 21.16
C ASP B 42 -1.77 6.53 21.03
N ALA B 43 -1.09 6.59 22.16
CA ALA B 43 0.35 6.87 22.19
C ALA B 43 1.14 5.83 21.38
N VAL B 44 1.74 6.28 20.28
CA VAL B 44 2.50 5.39 19.41
C VAL B 44 3.94 5.88 19.25
N THR B 45 4.81 4.98 18.82
CA THR B 45 6.21 5.34 18.53
C THR B 45 6.76 4.48 17.40
N GLN B 46 6.51 4.90 16.16
CA GLN B 46 6.90 4.12 14.99
C GLN B 46 8.31 4.43 14.49
N PHE B 47 8.77 3.64 13.53
CA PHE B 47 10.09 3.83 12.93
C PHE B 47 10.29 2.85 11.78
N THR B 48 11.19 3.18 10.86
CA THR B 48 11.42 2.34 9.68
C THR B 48 12.53 1.33 9.93
N LEU B 49 12.30 0.08 9.50
CA LEU B 49 13.32 -0.96 9.60
C LEU B 49 13.70 -1.48 8.22
N THR B 50 14.76 -0.91 7.64
CA THR B 50 15.22 -1.31 6.32
C THR B 50 15.86 -2.69 6.38
N THR B 51 15.38 -3.60 5.54
CA THR B 51 15.93 -4.96 5.49
C THR B 51 16.48 -5.28 4.10
N THR B 52 17.68 -5.85 4.07
CA THR B 52 18.28 -6.30 2.82
C THR B 52 17.85 -7.72 2.51
N SER B 53 17.31 -7.92 1.31
CA SER B 53 16.82 -9.24 0.90
C SER B 53 17.33 -9.61 -0.49
N ILE B 54 18.53 -10.19 -0.54
CA ILE B 54 19.11 -10.61 -1.81
C ILE B 54 18.17 -11.53 -2.58
N ASP B 55 17.51 -10.98 -3.59
CA ASP B 55 16.55 -11.74 -4.39
C ASP B 55 17.22 -12.96 -5.04
N THR B 56 16.40 -13.94 -5.40
CA THR B 56 16.91 -15.17 -6.03
C THR B 56 17.69 -14.86 -7.30
N GLU B 62 23.66 -12.41 -9.83
CA GLU B 62 24.35 -11.33 -10.54
C GLU B 62 23.36 -10.47 -11.32
N VAL B 63 23.23 -9.21 -10.91
CA VAL B 63 23.97 -8.67 -9.79
C VAL B 63 23.20 -7.52 -9.13
N VAL B 64 22.27 -7.86 -8.26
CA VAL B 64 21.44 -6.85 -7.61
C VAL B 64 20.86 -7.32 -6.29
N VAL B 65 20.59 -6.37 -5.40
CA VAL B 65 20.00 -6.68 -4.10
C VAL B 65 18.79 -5.79 -3.86
N GLU B 66 17.84 -6.27 -3.05
CA GLU B 66 16.64 -5.50 -2.76
C GLU B 66 16.56 -5.12 -1.29
N LYS B 67 15.95 -3.98 -1.01
CA LYS B 67 15.70 -3.55 0.37
C LYS B 67 14.21 -3.47 0.66
N ASP B 68 13.86 -3.39 1.93
CA ASP B 68 12.47 -3.35 2.36
C ASP B 68 12.28 -2.54 3.63
N HIS B 69 11.75 -1.33 3.49
CA HIS B 69 11.53 -0.44 4.63
C HIS B 69 10.18 -0.73 5.27
N HIS B 70 10.21 -1.25 6.49
CA HIS B 70 8.99 -1.62 7.19
C HIS B 70 8.63 -0.63 8.30
N THR B 71 7.40 -0.15 8.29
CA THR B 71 6.91 0.73 9.35
C THR B 71 6.62 -0.09 10.61
N ILE B 72 7.52 0.02 11.58
CA ILE B 72 7.33 -0.67 12.86
C ILE B 72 6.61 0.29 13.81
N ARG B 73 5.45 -0.13 14.30
CA ARG B 73 4.58 0.75 15.07
C ARG B 73 4.32 0.21 16.48
N CYS B 74 4.97 0.83 17.47
CA CYS B 74 4.90 0.37 18.86
C CYS B 74 3.76 1.00 19.66
N PHE B 75 2.87 0.15 20.19
CA PHE B 75 1.76 0.62 21.00
C PHE B 75 1.98 0.34 22.48
N GLY B 76 1.04 0.77 23.31
CA GLY B 76 1.16 0.61 24.75
C GLY B 76 2.07 1.67 25.36
N GLU B 77 1.47 2.77 25.78
CA GLU B 77 2.20 3.95 26.25
C GLU B 77 3.48 3.63 27.03
N LEU B 78 3.43 2.61 27.87
CA LEU B 78 4.60 2.19 28.63
C LEU B 78 5.67 1.59 27.72
N PHE B 79 5.32 0.51 27.02
CA PHE B 79 6.19 -0.10 26.04
C PHE B 79 6.54 0.93 24.97
N SER B 80 5.55 1.71 24.58
CA SER B 80 5.76 2.80 23.64
C SER B 80 6.87 3.74 24.11
N ALA B 81 6.84 4.05 25.41
CA ALA B 81 7.83 4.95 25.99
C ALA B 81 9.22 4.31 26.03
N GLU B 82 9.33 3.16 26.69
CA GLU B 82 10.62 2.49 26.79
C GLU B 82 11.26 2.29 25.42
N VAL B 83 10.46 1.85 24.45
CA VAL B 83 10.92 1.72 23.08
C VAL B 83 11.45 3.07 22.59
N LYS B 84 10.62 4.10 22.74
CA LYS B 84 10.97 5.45 22.32
C LYS B 84 12.35 5.89 22.83
N GLN B 85 12.67 5.52 24.07
CA GLN B 85 13.93 5.93 24.66
C GLN B 85 15.10 5.01 24.29
N LYS B 86 14.89 3.70 24.40
CA LYS B 86 15.97 2.74 24.24
C LYS B 86 16.46 2.54 22.81
N VAL B 87 15.58 2.77 21.83
CA VAL B 87 15.94 2.56 20.43
C VAL B 87 16.55 3.80 19.79
N LYS B 88 17.80 3.69 19.36
CA LYS B 88 18.50 4.81 18.72
C LYS B 88 18.42 4.75 17.19
N GLU B 89 18.77 5.87 16.55
CA GLU B 89 18.78 5.96 15.10
C GLU B 89 19.89 5.09 14.50
N GLY B 90 19.71 4.68 13.26
CA GLY B 90 20.71 3.89 12.55
C GLY B 90 21.14 2.64 13.30
N ASN B 91 20.26 2.15 14.17
CA ASN B 91 20.55 0.95 14.95
C ASN B 91 20.25 -0.33 14.19
N VAL B 92 20.45 -1.46 14.86
CA VAL B 92 20.06 -2.76 14.32
C VAL B 92 19.30 -3.51 15.41
N VAL B 93 17.99 -3.63 15.26
CA VAL B 93 17.15 -4.25 16.27
C VAL B 93 16.45 -5.48 15.73
N CYS B 94 15.98 -6.34 16.63
CA CYS B 94 15.20 -7.51 16.25
C CYS B 94 13.76 -7.31 16.65
N VAL B 95 12.86 -7.26 15.67
CA VAL B 95 11.45 -6.98 15.93
C VAL B 95 10.56 -8.21 15.81
N ASN B 96 10.01 -8.66 16.93
CA ASN B 96 8.93 -9.64 16.93
C ASN B 96 7.61 -8.89 17.04
N GLY B 97 6.60 -9.32 16.29
CA GLY B 97 5.30 -8.68 16.33
C GLY B 97 4.35 -9.16 15.26
N ARG B 98 3.17 -8.55 15.22
CA ARG B 98 2.14 -8.94 14.26
C ARG B 98 2.11 -8.00 13.05
N LEU B 99 1.82 -8.57 11.89
CA LEU B 99 1.71 -7.81 10.64
C LEU B 99 0.28 -7.33 10.42
N ARG B 100 0.10 -6.02 10.29
CA ARG B 100 -1.24 -5.45 10.13
C ARG B 100 -1.39 -4.75 8.78
N LEU B 101 -2.65 -4.59 8.36
CA LEU B 101 -2.96 -3.91 7.10
C LEU B 101 -4.05 -2.85 7.33
N SER B 102 -3.69 -1.59 7.11
CA SER B 102 -4.63 -0.50 7.31
C SER B 102 -5.24 -0.03 5.99
N PRO B 103 -6.58 -0.01 5.93
CA PRO B 103 -7.34 0.36 4.72
C PRO B 103 -6.93 1.70 4.13
N GLN B 104 -6.46 2.62 4.97
CA GLN B 104 -6.07 3.96 4.54
C GLN B 104 -6.95 4.47 3.41
N LEU B 105 -6.33 4.82 2.29
CA LEU B 105 -7.05 5.31 1.12
C LEU B 105 -7.80 6.61 1.40
N GLU B 106 -7.08 7.73 1.31
CA GLU B 106 -7.65 9.04 1.57
C GLU B 106 -8.00 9.74 0.25
N PRO B 107 -8.57 10.95 0.33
CA PRO B 107 -8.86 11.73 -0.88
C PRO B 107 -7.60 12.06 -1.68
N SER B 108 -7.65 13.14 -2.45
CA SER B 108 -6.56 13.53 -3.33
C SER B 108 -6.45 12.60 -4.54
N CYS B 109 -7.20 11.51 -4.50
CA CYS B 109 -7.26 10.55 -5.60
C CYS B 109 -8.43 9.60 -5.39
N ASN B 110 -8.68 8.74 -6.37
CA ASN B 110 -9.79 7.78 -6.27
C ASN B 110 -9.32 6.34 -6.38
N LYS B 111 -8.85 5.79 -5.26
CA LYS B 111 -8.37 4.40 -5.22
C LYS B 111 -8.11 3.98 -3.78
N HIS B 112 -8.21 2.69 -3.51
CA HIS B 112 -8.00 2.16 -2.17
C HIS B 112 -6.70 1.37 -2.06
N PHE B 113 -5.83 1.79 -1.15
CA PHE B 113 -4.57 1.11 -0.91
C PHE B 113 -4.45 0.71 0.56
N TYR B 114 -3.51 -0.17 0.86
CA TYR B 114 -3.34 -0.68 2.21
C TYR B 114 -2.05 -0.18 2.85
N PHE B 115 -2.08 0.01 4.17
CA PHE B 115 -0.91 0.44 4.92
C PHE B 115 -0.28 -0.74 5.67
N PRO B 116 0.92 -1.15 5.25
CA PRO B 116 1.62 -2.32 5.79
C PRO B 116 2.45 -1.96 7.01
N TYR B 117 1.83 -1.86 8.18
CA TYR B 117 2.58 -1.52 9.39
C TYR B 117 2.69 -2.71 10.36
N ILE B 118 3.90 -2.92 10.86
CA ILE B 118 4.16 -4.04 11.76
C ILE B 118 3.88 -3.63 13.21
N GLN B 119 2.73 -4.04 13.72
CA GLN B 119 2.29 -3.66 15.06
C GLN B 119 3.06 -4.38 16.15
N VAL B 120 3.62 -3.61 17.08
CA VAL B 120 4.36 -4.16 18.21
C VAL B 120 3.83 -3.59 19.52
N GLN B 121 3.10 -4.41 20.27
CA GLN B 121 2.62 -4.02 21.59
C GLN B 121 2.33 -5.24 22.45
N PRO B 122 3.12 -5.41 23.52
CA PRO B 122 3.00 -6.51 24.48
C PRO B 122 1.56 -6.74 24.92
N PRO B 123 1.24 -7.98 25.34
CA PRO B 123 2.16 -9.11 25.38
C PRO B 123 2.36 -9.75 24.01
N HIS B 124 2.11 -9.01 22.94
CA HIS B 124 2.34 -9.53 21.59
C HIS B 124 3.82 -9.76 21.35
N GLY B 125 4.46 -8.82 20.66
CA GLY B 125 5.88 -8.91 20.40
C GLY B 125 6.67 -7.89 21.21
N GLN B 126 7.91 -7.65 20.80
CA GLN B 126 8.77 -6.68 21.46
C GLN B 126 9.99 -6.37 20.59
N VAL B 127 10.89 -5.54 21.09
CA VAL B 127 12.04 -5.12 20.31
C VAL B 127 13.36 -5.20 21.08
N ALA B 128 14.22 -6.13 20.70
CA ALA B 128 15.56 -6.20 21.26
C ALA B 128 16.50 -5.40 20.39
N VAL B 129 17.65 -5.01 20.95
CA VAL B 129 18.60 -4.18 20.22
C VAL B 129 19.98 -4.84 20.14
N ILE B 130 20.62 -4.72 18.99
CA ILE B 130 21.91 -5.35 18.74
C ILE B 130 22.94 -4.34 18.27
N HIS B 131 22.51 -3.10 18.06
CA HIS B 131 23.39 -2.03 17.63
C HIS B 131 22.68 -0.68 17.68
N VAL C 2 -9.61 20.45 19.60
CA VAL C 2 -10.83 20.00 18.95
C VAL C 2 -11.39 18.74 19.60
N GLN C 3 -12.40 18.90 20.45
CA GLN C 3 -13.05 17.78 21.10
C GLN C 3 -14.29 17.38 20.31
N PRO C 4 -14.22 16.24 19.61
CA PRO C 4 -15.27 15.74 18.70
C PRO C 4 -16.66 15.75 19.33
N GLN C 5 -17.69 15.72 18.47
CA GLN C 5 -19.07 15.76 18.93
C GLN C 5 -20.01 15.25 17.84
N GLU C 6 -20.24 13.93 17.82
CA GLU C 6 -21.13 13.33 16.83
C GLU C 6 -22.58 13.62 17.18
N SER C 7 -23.44 13.65 16.16
CA SER C 7 -24.85 13.92 16.36
C SER C 7 -25.70 13.42 15.19
N GLY C 8 -27.02 13.46 15.37
CA GLY C 8 -27.95 13.02 14.34
C GLY C 8 -27.94 11.51 14.15
N GLY C 9 -29.12 10.91 14.17
CA GLY C 9 -29.24 9.48 13.98
C GLY C 9 -30.26 8.86 14.91
N GLY C 10 -30.58 7.58 14.68
CA GLY C 10 -31.52 6.87 15.51
C GLY C 10 -32.10 5.63 14.85
N LEU C 11 -33.19 5.81 14.13
CA LEU C 11 -33.88 4.69 13.50
C LEU C 11 -34.60 5.10 12.21
N ALA C 12 -34.50 4.24 11.21
CA ALA C 12 -35.18 4.47 9.94
C ALA C 12 -35.45 3.14 9.23
N GLN C 13 -36.46 3.12 8.38
CA GLN C 13 -36.83 1.90 7.67
C GLN C 13 -35.71 1.43 6.74
N ALA C 14 -35.73 0.14 6.40
CA ALA C 14 -34.81 -0.38 5.40
C ALA C 14 -35.15 0.24 4.04
N GLY C 15 -34.50 1.35 3.74
CA GLY C 15 -34.83 2.13 2.56
C GLY C 15 -35.10 3.57 2.96
N GLY C 16 -35.31 3.79 4.26
CA GLY C 16 -35.47 5.12 4.80
C GLY C 16 -34.18 5.91 4.70
N SER C 17 -34.17 7.11 5.26
CA SER C 17 -32.99 7.97 5.14
C SER C 17 -32.80 8.85 6.37
N LEU C 18 -31.60 9.40 6.50
CA LEU C 18 -31.25 10.29 7.61
C LEU C 18 -29.84 10.84 7.44
N ARG C 19 -29.59 12.02 7.98
CA ARG C 19 -28.29 12.66 7.87
C ARG C 19 -27.63 12.82 9.25
N LEU C 20 -26.31 12.66 9.29
CA LEU C 20 -25.57 12.79 10.53
C LEU C 20 -24.87 14.14 10.63
N SER C 21 -24.10 14.33 11.70
CA SER C 21 -23.39 15.58 11.91
C SER C 21 -22.20 15.39 12.86
N CYS C 22 -21.29 16.37 12.86
CA CYS C 22 -20.12 16.33 13.72
C CYS C 22 -19.51 17.73 13.89
N VAL C 23 -19.20 18.09 15.13
CA VAL C 23 -18.62 19.40 15.42
C VAL C 23 -17.43 19.26 16.36
N VAL C 24 -16.50 20.22 16.28
CA VAL C 24 -15.31 20.20 17.13
C VAL C 24 -14.97 21.59 17.67
N SER C 25 -14.37 21.63 18.86
CA SER C 25 -13.97 22.88 19.47
C SER C 25 -12.44 22.99 19.54
N GLY C 26 -11.85 23.58 18.52
CA GLY C 26 -12.60 24.12 17.40
C GLY C 26 -11.68 24.59 16.28
N ILE C 27 -10.40 24.25 16.40
CA ILE C 27 -9.40 24.65 15.42
C ILE C 27 -8.28 23.61 15.35
N THR C 28 -7.71 23.45 14.16
CA THR C 28 -8.11 24.23 13.00
C THR C 28 -8.68 23.34 11.90
N PHE C 29 -9.83 23.73 11.36
CA PHE C 29 -10.43 23.01 10.24
C PHE C 29 -9.63 23.33 8.99
N ALA C 30 -10.15 22.93 7.83
CA ALA C 30 -9.48 23.18 6.56
C ALA C 30 -8.16 22.40 6.46
N SER C 31 -7.17 22.85 7.22
CA SER C 31 -5.86 22.20 7.24
C SER C 31 -5.96 20.71 7.52
N GLU C 32 -6.99 20.32 8.27
CA GLU C 32 -7.19 18.92 8.64
C GLU C 32 -8.29 18.27 7.82
N ALA C 33 -7.99 17.12 7.22
CA ALA C 33 -8.99 16.33 6.50
C ALA C 33 -9.66 15.33 7.43
N TRP C 34 -10.96 15.11 7.25
CA TRP C 34 -11.73 14.30 8.18
C TRP C 34 -12.39 13.10 7.52
N GLY C 35 -13.33 12.47 8.24
CA GLY C 35 -14.02 11.30 7.75
C GLY C 35 -15.04 10.77 8.75
N TRP C 36 -15.68 9.65 8.41
CA TRP C 36 -16.67 9.02 9.27
C TRP C 36 -16.37 7.53 9.47
N TYR C 37 -16.43 7.07 10.71
CA TYR C 37 -16.12 5.67 11.02
C TYR C 37 -17.31 4.99 11.70
N ARG C 38 -17.86 3.97 11.05
CA ARG C 38 -18.96 3.20 11.64
C ARG C 38 -18.46 1.88 12.19
N ARG C 39 -19.03 1.43 13.31
CA ARG C 39 -18.57 0.22 13.96
C ARG C 39 -19.71 -0.76 14.26
N ALA C 40 -19.48 -2.03 13.93
CA ALA C 40 -20.44 -3.08 14.21
C ALA C 40 -20.39 -3.45 15.69
N PRO C 41 -21.41 -4.17 16.18
CA PRO C 41 -21.51 -4.55 17.60
C PRO C 41 -20.18 -5.07 18.17
N GLY C 42 -19.65 -6.14 17.60
CA GLY C 42 -18.42 -6.72 18.10
C GLY C 42 -17.26 -6.60 17.12
N LYS C 43 -17.51 -5.89 16.02
CA LYS C 43 -16.47 -5.70 15.00
C LYS C 43 -15.74 -4.38 15.18
N GLN C 44 -14.70 -4.18 14.40
CA GLN C 44 -13.88 -2.97 14.51
C GLN C 44 -14.47 -1.80 13.73
N ARG C 45 -14.07 -0.59 14.09
CA ARG C 45 -14.50 0.60 13.38
C ARG C 45 -14.06 0.54 11.92
N GLU C 46 -14.93 0.99 11.04
CA GLU C 46 -14.59 1.03 9.61
C GLU C 46 -14.84 2.43 9.03
N LEU C 47 -13.76 3.07 8.60
CA LEU C 47 -13.86 4.38 7.97
C LEU C 47 -14.71 4.28 6.72
N ILE C 48 -15.69 5.19 6.60
CA ILE C 48 -16.64 5.16 5.50
C ILE C 48 -16.20 6.06 4.35
N ALA C 49 -16.17 7.36 4.61
CA ALA C 49 -15.79 8.33 3.59
C ALA C 49 -14.91 9.42 4.19
N ALA C 50 -13.88 9.81 3.45
CA ALA C 50 -12.98 10.87 3.90
C ALA C 50 -13.07 12.08 2.97
N ILE C 51 -13.12 13.27 3.55
CA ILE C 51 -13.18 14.50 2.76
C ILE C 51 -11.84 15.25 2.81
N ASN C 52 -11.37 15.68 1.66
CA ASN C 52 -10.05 16.29 1.53
C ASN C 52 -9.95 17.66 2.18
N ASN C 53 -8.76 18.25 2.12
CA ASN C 53 -8.49 19.55 2.72
C ASN C 53 -9.10 20.71 1.93
N GLU C 54 -9.70 20.40 0.79
CA GLU C 54 -10.30 21.42 -0.06
C GLU C 54 -11.83 21.48 0.01
N GLY C 55 -12.50 20.33 -0.05
CA GLY C 55 -11.85 19.04 -0.13
C GLY C 55 -12.56 18.01 -0.99
N ARG C 56 -11.77 17.32 -1.81
CA ARG C 56 -12.26 16.20 -2.60
C ARG C 56 -12.78 15.10 -1.67
N THR C 57 -13.13 13.94 -2.23
CA THR C 57 -13.74 12.90 -1.40
C THR C 57 -13.60 11.48 -1.97
N ASN C 58 -13.48 10.52 -1.06
CA ASN C 58 -13.49 9.10 -1.42
C ASN C 58 -14.48 8.31 -0.57
N TYR C 59 -14.90 7.15 -1.06
CA TYR C 59 -15.86 6.33 -0.35
C TYR C 59 -15.42 4.87 -0.32
N VAL C 60 -16.09 4.06 0.50
CA VAL C 60 -15.79 2.63 0.61
C VAL C 60 -16.39 1.86 -0.56
N ASP C 61 -15.69 0.81 -0.99
CA ASP C 61 -16.15 -0.03 -2.08
C ASP C 61 -17.56 -0.53 -1.84
N SER C 62 -17.94 -0.63 -0.57
CA SER C 62 -19.25 -1.15 -0.19
C SER C 62 -20.33 -0.06 -0.21
N VAL C 63 -19.88 1.19 -0.17
CA VAL C 63 -20.82 2.31 -0.09
C VAL C 63 -20.70 3.27 -1.28
N LYS C 64 -19.93 2.88 -2.28
CA LYS C 64 -19.75 3.72 -3.46
C LYS C 64 -21.07 3.95 -4.19
N GLY C 65 -21.29 5.18 -4.62
CA GLY C 65 -22.52 5.55 -5.30
C GLY C 65 -23.71 5.38 -4.39
N ARG C 66 -23.50 5.57 -3.09
CA ARG C 66 -24.57 5.40 -2.11
C ARG C 66 -24.59 6.55 -1.11
N PHE C 67 -23.58 6.60 -0.24
CA PHE C 67 -23.46 7.68 0.73
C PHE C 67 -22.90 8.95 0.09
N THR C 68 -23.05 10.07 0.78
CA THR C 68 -22.51 11.35 0.32
C THR C 68 -22.06 12.19 1.50
N VAL C 69 -20.78 12.54 1.52
CA VAL C 69 -20.23 13.33 2.62
C VAL C 69 -19.79 14.72 2.17
N SER C 70 -20.04 15.72 3.01
CA SER C 70 -19.65 17.09 2.74
C SER C 70 -19.23 17.77 4.03
N ARG C 71 -18.41 18.82 3.92
CA ARG C 71 -17.90 19.51 5.09
C ARG C 71 -18.02 21.02 4.98
N ASP C 72 -18.13 21.68 6.13
CA ASP C 72 -18.16 23.14 6.18
C ASP C 72 -17.05 23.64 7.09
N ASN C 73 -16.27 24.60 6.60
CA ASN C 73 -15.12 25.11 7.36
C ASN C 73 -15.50 26.22 8.33
N ALA C 74 -16.41 27.09 7.90
CA ALA C 74 -16.82 28.23 8.72
C ALA C 74 -17.54 27.80 9.99
N LYS C 75 -18.05 26.57 10.00
CA LYS C 75 -18.78 26.07 11.15
C LYS C 75 -18.23 24.75 11.68
N ASN C 76 -17.18 24.26 11.03
CA ASN C 76 -16.54 23.01 11.45
C ASN C 76 -17.52 21.87 11.63
N VAL C 77 -18.20 21.49 10.55
CA VAL C 77 -19.23 20.47 10.62
C VAL C 77 -19.09 19.40 9.53
N MET C 78 -19.20 18.14 9.93
CA MET C 78 -19.21 17.03 8.98
C MET C 78 -20.66 16.63 8.67
N TYR C 79 -20.99 16.60 7.39
CA TYR C 79 -22.35 16.26 6.97
C TYR C 79 -22.36 14.91 6.24
N LEU C 80 -23.24 14.02 6.67
CA LEU C 80 -23.36 12.70 6.06
C LEU C 80 -24.81 12.35 5.74
N GLN C 81 -25.24 12.71 4.54
CA GLN C 81 -26.61 12.41 4.11
C GLN C 81 -26.74 10.95 3.71
N MET C 82 -27.35 10.16 4.57
CA MET C 82 -27.54 8.73 4.31
C MET C 82 -28.94 8.47 3.75
N ASN C 83 -29.00 7.75 2.63
CA ASN C 83 -30.28 7.48 1.96
C ASN C 83 -30.47 5.99 1.66
N SER C 84 -31.72 5.53 1.77
CA SER C 84 -32.03 4.11 1.57
C SER C 84 -31.02 3.23 2.32
N LEU C 85 -31.27 3.03 3.60
CA LEU C 85 -30.29 2.41 4.48
C LEU C 85 -30.52 0.91 4.69
N LYS C 86 -29.56 0.10 4.28
CA LYS C 86 -29.62 -1.33 4.50
C LYS C 86 -29.30 -1.65 5.95
N PRO C 87 -29.92 -2.70 6.51
CA PRO C 87 -29.66 -3.13 7.89
C PRO C 87 -28.19 -3.40 8.12
N GLU C 88 -27.40 -3.44 7.04
CA GLU C 88 -25.96 -3.60 7.14
C GLU C 88 -25.35 -2.30 7.68
N ASP C 89 -25.87 -1.18 7.20
CA ASP C 89 -25.40 0.13 7.64
C ASP C 89 -25.60 0.32 9.14
N THR C 90 -26.46 -0.50 9.73
CA THR C 90 -26.72 -0.45 11.16
C THR C 90 -25.43 -0.61 11.95
N ALA C 91 -24.93 0.49 12.51
CA ALA C 91 -23.69 0.50 13.27
C ALA C 91 -23.51 1.81 14.01
N VAL C 92 -22.58 1.84 14.95
CA VAL C 92 -22.28 3.05 15.70
C VAL C 92 -21.35 3.95 14.89
N TYR C 93 -21.90 5.02 14.34
CA TYR C 93 -21.14 5.94 13.50
C TYR C 93 -20.35 6.97 14.30
N TYR C 94 -19.07 7.11 13.97
CA TYR C 94 -18.20 8.09 14.58
C TYR C 94 -17.70 9.06 13.50
N CYS C 95 -17.22 10.21 13.92
CA CYS C 95 -16.63 11.17 12.99
C CYS C 95 -15.31 11.71 13.55
N ASN C 96 -14.24 11.56 12.76
CA ASN C 96 -12.92 12.03 13.17
C ASN C 96 -12.05 12.37 11.97
N ALA C 97 -10.82 12.81 12.23
CA ALA C 97 -9.94 13.28 11.17
C ALA C 97 -8.92 12.24 10.75
N ASN C 98 -9.11 11.64 9.58
CA ASN C 98 -8.10 10.79 8.97
C ASN C 98 -7.00 11.67 8.40
N LEU C 99 -5.79 11.14 8.28
CA LEU C 99 -4.67 11.94 7.82
C LEU C 99 -3.41 11.13 7.56
N GLN C 100 -2.46 11.76 6.87
CA GLN C 100 -1.13 11.19 6.63
C GLN C 100 -1.13 10.01 5.65
N THR C 101 -2.22 9.25 5.63
CA THR C 101 -2.33 8.10 4.74
C THR C 101 -1.06 7.25 4.81
N GLY C 102 -0.44 7.22 5.98
CA GLY C 102 0.80 6.49 6.16
C GLY C 102 1.63 7.04 7.31
N THR C 103 2.28 8.18 7.10
CA THR C 103 3.06 8.82 8.14
C THR C 103 2.17 9.46 9.20
N LEU C 104 1.36 8.63 9.84
CA LEU C 104 0.42 9.11 10.86
C LEU C 104 1.15 9.65 12.09
N SER C 105 0.60 9.35 13.26
CA SER C 105 1.19 9.83 14.51
C SER C 105 1.26 11.36 14.53
N GLY C 106 0.26 12.00 15.12
CA GLY C 106 0.21 13.45 15.15
C GLY C 106 -0.62 14.02 16.28
N ALA C 107 -0.02 14.94 17.03
CA ALA C 107 -0.71 15.64 18.11
C ALA C 107 -1.11 14.74 19.26
N ARG C 108 -2.39 14.79 19.63
CA ARG C 108 -2.90 14.02 20.75
C ARG C 108 -4.09 13.17 20.33
N LEU C 109 -4.99 13.76 19.56
CA LEU C 109 -6.16 13.06 19.02
C LEU C 109 -7.10 12.58 20.12
N TYR C 110 -8.39 12.48 19.79
CA TYR C 110 -9.39 12.01 20.74
C TYR C 110 -10.64 11.52 20.01
N TRP C 111 -11.26 10.48 20.54
CA TRP C 111 -12.45 9.91 19.93
C TRP C 111 -13.75 10.48 20.50
N GLY C 112 -14.69 10.78 19.60
CA GLY C 112 -15.99 11.29 20.01
C GLY C 112 -16.87 10.18 20.55
N GLN C 113 -17.93 10.56 21.23
CA GLN C 113 -18.84 9.59 21.83
C GLN C 113 -19.51 8.74 20.76
N GLY C 114 -19.89 9.37 19.66
CA GLY C 114 -20.47 8.65 18.54
C GLY C 114 -21.97 8.83 18.42
N THR C 115 -22.53 8.25 17.36
CA THR C 115 -23.98 8.31 17.12
C THR C 115 -24.49 6.94 16.69
N GLN C 116 -25.75 6.65 17.02
CA GLN C 116 -26.33 5.35 16.71
C GLN C 116 -27.06 5.34 15.38
N VAL C 117 -26.92 4.23 14.65
CA VAL C 117 -27.62 4.03 13.39
C VAL C 117 -28.22 2.62 13.33
N THR C 118 -29.54 2.55 13.25
CA THR C 118 -30.23 1.27 13.20
C THR C 118 -31.33 1.28 12.15
N VAL C 119 -31.32 0.30 11.26
CA VAL C 119 -32.31 0.20 10.20
C VAL C 119 -32.69 -1.26 9.94
N VAL D 2 2.39 -7.18 -27.40
CA VAL D 2 3.05 -7.11 -26.10
C VAL D 2 4.45 -7.72 -26.16
N GLN D 3 5.29 -7.18 -27.03
CA GLN D 3 6.67 -7.63 -27.17
C GLN D 3 7.62 -6.44 -27.11
N PRO D 4 8.52 -6.45 -26.12
CA PRO D 4 9.47 -5.36 -25.87
C PRO D 4 10.46 -5.15 -27.01
N GLN D 5 10.56 -3.93 -27.50
CA GLN D 5 11.52 -3.58 -28.55
C GLN D 5 12.03 -2.16 -28.33
N GLU D 6 13.06 -2.04 -27.51
CA GLU D 6 13.57 -0.75 -27.07
C GLU D 6 14.79 -0.30 -27.86
N SER D 7 15.24 0.92 -27.60
CA SER D 7 16.41 1.48 -28.28
C SER D 7 16.77 2.86 -27.76
N GLY D 8 18.00 3.31 -28.06
CA GLY D 8 18.45 4.62 -27.67
C GLY D 8 19.06 4.68 -26.28
N GLY D 9 20.27 5.21 -26.19
CA GLY D 9 20.96 5.35 -24.92
C GLY D 9 22.31 4.65 -24.89
N GLY D 10 23.28 5.31 -24.29
CA GLY D 10 24.62 4.76 -24.19
C GLY D 10 25.53 5.58 -23.29
N LEU D 11 25.71 6.85 -23.65
CA LEU D 11 26.56 7.75 -22.87
C LEU D 11 26.45 9.19 -23.39
N ALA D 12 26.24 10.12 -22.46
CA ALA D 12 26.12 11.53 -22.82
C ALA D 12 26.67 12.42 -21.71
N GLN D 13 27.08 13.63 -22.08
CA GLN D 13 27.64 14.57 -21.12
C GLN D 13 26.58 14.96 -20.09
N ALA D 14 27.03 15.46 -18.95
CA ALA D 14 26.13 15.85 -17.87
C ALA D 14 25.02 16.77 -18.39
N GLY D 15 23.78 16.47 -18.01
CA GLY D 15 22.64 17.27 -18.43
C GLY D 15 22.44 17.26 -19.93
N GLY D 16 22.03 16.11 -20.46
CA GLY D 16 21.79 15.97 -21.89
C GLY D 16 20.30 15.90 -22.22
N SER D 17 19.99 15.43 -23.42
CA SER D 17 18.61 15.30 -23.85
C SER D 17 18.45 14.14 -24.84
N LEU D 18 18.12 12.96 -24.31
CA LEU D 18 17.98 11.77 -25.13
C LEU D 18 16.52 11.30 -25.23
N ARG D 19 16.21 10.58 -26.30
CA ARG D 19 14.87 10.04 -26.51
C ARG D 19 14.91 8.51 -26.51
N LEU D 20 13.77 7.89 -26.26
CA LEU D 20 13.67 6.43 -26.21
C LEU D 20 12.56 5.90 -27.09
N SER D 21 12.79 4.76 -27.73
CA SER D 21 11.79 4.16 -28.60
C SER D 21 11.38 2.76 -28.13
N CYS D 22 10.28 2.70 -27.40
CA CYS D 22 9.74 1.42 -26.93
C CYS D 22 8.62 0.93 -27.84
N VAL D 23 8.96 0.01 -28.74
CA VAL D 23 8.00 -0.50 -29.71
C VAL D 23 7.42 -1.84 -29.30
N VAL D 24 6.10 -1.91 -29.24
CA VAL D 24 5.41 -3.16 -28.95
C VAL D 24 5.26 -3.98 -30.23
N SER D 25 6.03 -5.06 -30.32
CA SER D 25 6.08 -5.88 -31.52
C SER D 25 4.76 -6.61 -31.79
N GLY D 26 3.96 -6.06 -32.71
CA GLY D 26 2.74 -6.72 -33.16
C GLY D 26 1.52 -6.47 -32.30
N ILE D 27 1.02 -7.55 -31.70
CA ILE D 27 -0.23 -7.53 -30.93
C ILE D 27 -0.50 -6.22 -30.17
N THR D 28 -1.77 -5.84 -30.14
CA THR D 28 -2.21 -4.56 -29.56
C THR D 28 -1.35 -4.04 -28.42
N PHE D 29 -1.15 -2.74 -28.39
CA PHE D 29 -0.35 -2.09 -27.35
C PHE D 29 -1.17 -1.04 -26.60
N ALA D 30 -1.79 -0.14 -27.35
CA ALA D 30 -2.54 0.97 -26.78
C ALA D 30 -3.58 0.51 -25.76
N SER D 31 -3.88 -0.78 -25.77
CA SER D 31 -4.89 -1.35 -24.86
C SER D 31 -4.47 -1.26 -23.40
N GLU D 32 -3.16 -1.26 -23.15
CA GLU D 32 -2.65 -1.32 -21.78
C GLU D 32 -2.11 0.02 -21.27
N ALA D 33 -1.59 0.00 -20.03
CA ALA D 33 -0.92 1.16 -19.45
C ALA D 33 0.51 0.77 -19.12
N TRP D 34 1.46 1.35 -19.83
CA TRP D 34 2.85 0.92 -19.75
C TRP D 34 3.72 1.84 -18.88
N GLY D 35 5.03 1.82 -19.14
CA GLY D 35 5.99 2.60 -18.38
C GLY D 35 7.42 2.11 -18.54
N TRP D 36 8.37 2.93 -18.14
CA TRP D 36 9.79 2.58 -18.25
C TRP D 36 10.38 2.18 -16.90
N TYR D 37 11.43 1.38 -16.95
CA TYR D 37 12.15 0.98 -15.74
C TYR D 37 13.64 1.29 -15.92
N ARG D 38 14.45 0.88 -14.96
CA ARG D 38 15.90 1.07 -15.07
C ARG D 38 16.67 0.07 -14.20
N ARG D 39 17.85 -0.29 -14.65
CA ARG D 39 18.70 -1.23 -13.92
C ARG D 39 20.06 -0.62 -13.62
N ALA D 40 20.20 -0.05 -12.42
CA ALA D 40 21.47 0.49 -11.99
C ALA D 40 22.54 -0.61 -12.02
N PRO D 41 23.80 -0.23 -12.29
CA PRO D 41 24.91 -1.18 -12.40
C PRO D 41 24.95 -2.18 -11.24
N GLY D 42 24.33 -1.83 -10.12
CA GLY D 42 24.29 -2.72 -8.96
C GLY D 42 22.90 -2.88 -8.40
N LYS D 43 22.10 -1.83 -8.47
CA LYS D 43 20.75 -1.85 -7.91
C LYS D 43 19.79 -2.69 -8.75
N GLN D 44 18.70 -3.12 -8.13
CA GLN D 44 17.74 -4.01 -8.78
C GLN D 44 16.81 -3.27 -9.74
N ARG D 45 15.75 -3.94 -10.16
CA ARG D 45 14.77 -3.37 -11.08
C ARG D 45 13.97 -2.29 -10.38
N GLU D 46 13.92 -1.10 -10.97
CA GLU D 46 13.22 0.03 -10.37
C GLU D 46 12.36 0.78 -11.37
N LEU D 47 11.04 0.70 -11.18
CA LEU D 47 10.10 1.42 -12.02
C LEU D 47 10.22 2.92 -11.79
N ILE D 48 10.22 3.69 -12.89
CA ILE D 48 10.31 5.14 -12.80
C ILE D 48 9.11 5.83 -13.44
N ALA D 49 9.16 6.05 -14.74
CA ALA D 49 8.08 6.71 -15.47
C ALA D 49 6.93 5.73 -15.76
N ALA D 50 5.71 6.25 -15.77
CA ALA D 50 4.54 5.42 -16.04
C ALA D 50 3.37 6.26 -16.56
N ILE D 51 3.11 6.16 -17.86
CA ILE D 51 2.03 6.92 -18.48
C ILE D 51 0.70 6.16 -18.40
N ASN D 52 -0.37 6.92 -18.22
CA ASN D 52 -1.71 6.33 -18.12
C ASN D 52 -2.13 5.70 -19.44
N ASN D 53 -3.37 5.23 -19.50
CA ASN D 53 -3.87 4.59 -20.72
C ASN D 53 -4.21 5.60 -21.80
N GLU D 54 -4.01 6.89 -21.51
CA GLU D 54 -4.36 7.94 -22.45
C GLU D 54 -3.19 8.88 -22.74
N GLY D 55 -2.68 9.59 -21.73
CA GLY D 55 -3.18 9.51 -20.36
C GLY D 55 -2.30 10.26 -19.38
N ARG D 56 -2.93 11.03 -18.50
CA ARG D 56 -2.21 11.79 -17.49
C ARG D 56 -1.20 10.92 -16.75
N THR D 57 0.06 11.35 -16.75
CA THR D 57 1.16 10.52 -16.30
C THR D 57 1.64 10.83 -14.89
N ASN D 58 2.05 9.81 -14.16
CA ASN D 58 2.68 9.97 -12.85
C ASN D 58 4.14 9.54 -12.90
N TYR D 59 5.02 10.44 -12.46
CA TYR D 59 6.45 10.16 -12.44
C TYR D 59 6.95 10.03 -11.00
N VAL D 60 8.15 9.48 -10.85
CA VAL D 60 8.78 9.39 -9.54
C VAL D 60 9.30 10.76 -9.14
N ASP D 61 9.32 11.04 -7.85
CA ASP D 61 9.86 12.31 -7.34
C ASP D 61 11.06 12.75 -8.16
N SER D 62 11.95 11.81 -8.43
CA SER D 62 13.15 12.06 -9.22
C SER D 62 12.79 12.70 -10.56
N VAL D 63 12.40 11.86 -11.52
CA VAL D 63 12.16 12.30 -12.90
C VAL D 63 10.98 13.25 -13.04
N LYS D 64 10.38 13.65 -11.92
CA LYS D 64 9.27 14.61 -11.95
C LYS D 64 9.74 15.98 -12.40
N GLY D 65 9.14 16.49 -13.46
CA GLY D 65 9.54 17.77 -14.03
C GLY D 65 10.79 17.62 -14.87
N ARG D 66 11.64 16.68 -14.48
CA ARG D 66 12.88 16.41 -15.19
C ARG D 66 12.60 15.70 -16.52
N PHE D 67 11.99 14.52 -16.43
CA PHE D 67 11.61 13.78 -17.63
C PHE D 67 10.09 13.69 -17.77
N THR D 68 9.63 13.37 -18.98
CA THR D 68 8.21 13.18 -19.25
C THR D 68 8.01 12.12 -20.32
N VAL D 69 7.37 11.01 -19.95
CA VAL D 69 7.14 9.92 -20.89
C VAL D 69 5.87 10.15 -21.71
N SER D 70 5.83 9.58 -22.92
CA SER D 70 4.66 9.72 -23.78
C SER D 70 4.14 8.35 -24.24
N ARG D 71 3.13 8.37 -25.09
CA ARG D 71 2.53 7.14 -25.60
C ARG D 71 1.75 7.41 -26.87
N ASP D 72 2.21 6.87 -27.98
CA ASP D 72 1.54 7.07 -29.26
C ASP D 72 1.00 5.74 -29.82
N ASN D 73 -0.32 5.62 -29.85
CA ASN D 73 -0.97 4.44 -30.38
C ASN D 73 -0.65 4.24 -31.85
N ALA D 74 -0.26 5.32 -32.51
CA ALA D 74 0.03 5.30 -33.94
C ALA D 74 1.01 4.19 -34.32
N LYS D 75 2.24 4.31 -33.83
CA LYS D 75 3.29 3.35 -34.16
C LYS D 75 3.52 2.36 -33.03
N ASN D 76 2.77 2.52 -31.94
CA ASN D 76 2.94 1.70 -30.76
C ASN D 76 4.32 1.87 -30.13
N VAL D 77 4.66 3.11 -29.80
CA VAL D 77 5.99 3.41 -29.24
C VAL D 77 5.92 4.29 -28.01
N MET D 78 6.73 3.95 -27.01
CA MET D 78 6.88 4.78 -25.82
C MET D 78 8.15 5.62 -25.91
N TYR D 79 8.00 6.93 -25.78
CA TYR D 79 9.15 7.83 -25.79
C TYR D 79 9.29 8.51 -24.44
N LEU D 80 10.47 8.38 -23.84
CA LEU D 80 10.76 9.00 -22.56
C LEU D 80 11.58 10.28 -22.74
N GLN D 81 10.90 11.43 -22.72
CA GLN D 81 11.56 12.71 -22.89
C GLN D 81 12.55 12.96 -21.76
N MET D 82 13.82 12.66 -22.02
CA MET D 82 14.85 12.80 -21.01
C MET D 82 15.66 14.09 -21.20
N ASN D 83 15.68 14.92 -20.17
CA ASN D 83 16.39 16.20 -20.21
C ASN D 83 17.16 16.46 -18.92
N SER D 84 18.30 17.12 -19.03
CA SER D 84 19.17 17.34 -17.88
C SER D 84 19.52 16.01 -17.24
N LEU D 85 20.20 15.16 -18.01
CA LEU D 85 20.52 13.80 -17.57
C LEU D 85 21.64 13.78 -16.55
N LYS D 86 21.26 13.69 -15.27
CA LYS D 86 22.24 13.64 -14.19
C LYS D 86 23.12 12.41 -14.32
N PRO D 87 24.38 12.52 -13.87
CA PRO D 87 25.31 11.38 -13.87
C PRO D 87 24.77 10.22 -13.05
N GLU D 88 23.86 10.53 -12.12
CA GLU D 88 23.23 9.52 -11.28
C GLU D 88 22.14 8.79 -12.05
N ASP D 89 22.09 9.01 -13.36
CA ASP D 89 21.10 8.38 -14.21
C ASP D 89 21.74 7.32 -15.11
N THR D 90 22.56 6.46 -14.50
CA THR D 90 23.24 5.41 -15.24
C THR D 90 22.56 4.05 -15.00
N ALA D 91 22.01 3.48 -16.07
CA ALA D 91 21.33 2.19 -15.97
C ALA D 91 20.89 1.67 -17.33
N VAL D 92 20.40 0.43 -17.34
CA VAL D 92 19.82 -0.15 -18.55
C VAL D 92 18.30 0.00 -18.49
N TYR D 93 17.75 0.72 -19.45
CA TYR D 93 16.34 1.08 -19.41
C TYR D 93 15.45 0.12 -20.20
N TYR D 94 14.29 -0.18 -19.64
CA TYR D 94 13.37 -1.14 -20.24
C TYR D 94 11.98 -0.55 -20.40
N CYS D 95 11.29 -0.93 -21.46
CA CYS D 95 9.89 -0.54 -21.65
C CYS D 95 8.98 -1.73 -21.37
N ASN D 96 7.96 -1.52 -20.56
CA ASN D 96 7.04 -2.59 -20.18
C ASN D 96 5.72 -2.00 -19.68
N ALA D 97 4.74 -2.87 -19.47
CA ALA D 97 3.42 -2.43 -19.02
C ALA D 97 3.26 -2.54 -17.51
N ASN D 98 3.02 -1.41 -16.86
CA ASN D 98 2.71 -1.39 -15.43
C ASN D 98 1.44 -2.22 -15.18
N LEU D 99 1.37 -2.85 -14.02
CA LEU D 99 0.25 -3.73 -13.70
C LEU D 99 -1.08 -2.97 -13.60
N GLN D 100 -1.88 -3.30 -12.61
CA GLN D 100 -3.19 -2.68 -12.46
C GLN D 100 -3.74 -2.75 -11.04
N THR D 101 -3.20 -1.92 -10.16
CA THR D 101 -2.09 -1.04 -10.51
C THR D 101 -0.80 -1.62 -9.93
N GLY D 102 -0.79 -2.95 -9.79
CA GLY D 102 0.33 -3.65 -9.20
C GLY D 102 -0.15 -4.90 -8.48
N THR D 103 -1.38 -4.83 -7.96
CA THR D 103 -1.98 -5.95 -7.23
C THR D 103 -2.56 -7.00 -8.17
N LEU D 104 -2.59 -6.68 -9.46
CA LEU D 104 -3.18 -7.57 -10.45
C LEU D 104 -2.20 -8.64 -10.94
N SER D 105 -2.74 -9.76 -11.40
CA SER D 105 -1.92 -10.83 -11.96
C SER D 105 -1.91 -10.72 -13.48
N GLY D 106 -0.80 -11.12 -14.09
CA GLY D 106 -0.65 -11.07 -15.52
C GLY D 106 -1.43 -12.16 -16.24
N ALA D 107 -0.92 -12.57 -17.40
CA ALA D 107 -1.58 -13.61 -18.20
C ALA D 107 -0.61 -14.20 -19.20
N ARG D 108 0.53 -13.54 -19.37
CA ARG D 108 1.56 -13.99 -20.30
C ARG D 108 2.82 -13.14 -20.14
N LEU D 109 2.84 -12.00 -20.84
CA LEU D 109 3.93 -11.04 -20.71
C LEU D 109 5.27 -11.64 -21.13
N TYR D 110 6.29 -10.78 -21.20
CA TYR D 110 7.64 -11.19 -21.57
C TYR D 110 8.58 -10.02 -21.33
N TRP D 111 9.85 -10.32 -21.06
CA TRP D 111 10.83 -9.28 -20.78
C TRP D 111 11.58 -8.85 -22.05
N GLY D 112 12.39 -7.82 -21.94
CA GLY D 112 13.15 -7.31 -23.07
C GLY D 112 14.63 -7.59 -22.95
N GLN D 113 15.43 -6.77 -23.62
CA GLN D 113 16.88 -6.92 -23.58
C GLN D 113 17.55 -5.66 -23.04
N GLY D 114 16.85 -4.54 -23.15
CA GLY D 114 17.29 -3.29 -22.55
C GLY D 114 18.49 -2.64 -23.22
N THR D 115 18.58 -1.32 -23.08
CA THR D 115 19.70 -0.56 -23.62
C THR D 115 20.50 0.08 -22.50
N GLN D 116 21.83 -0.09 -22.56
CA GLN D 116 22.72 0.46 -21.54
C GLN D 116 22.89 1.97 -21.71
N VAL D 117 22.83 2.69 -20.61
CA VAL D 117 22.99 4.15 -20.62
C VAL D 117 23.97 4.58 -19.53
N THR D 118 24.80 5.57 -19.84
CA THR D 118 25.81 6.04 -18.90
C THR D 118 25.91 7.56 -18.90
N VAL D 119 26.12 8.15 -17.72
CA VAL D 119 26.31 9.59 -17.60
C VAL D 119 27.35 9.90 -16.52
N SER D 120 28.35 10.69 -16.90
CA SER D 120 29.40 11.08 -15.96
C SER D 120 29.86 12.51 -16.24
N SER D 121 29.80 13.36 -15.23
CA SER D 121 30.17 14.76 -15.36
C SER D 121 31.64 14.90 -15.79
#